data_4Q8Q
#
_entry.id   4Q8Q
#
_cell.length_a   91.438
_cell.length_b   65.035
_cell.length_c   70.259
_cell.angle_alpha   90.00
_cell.angle_beta   95.95
_cell.angle_gamma   90.00
#
_symmetry.space_group_name_H-M   'C 1 2 1'
#
loop_
_entity.id
_entity.type
_entity.pdbx_description
1 polymer 'Queuine tRNA-ribosyltransferase'
2 non-polymer 'ZINC ION'
3 non-polymer 6-amino-2-[(2-morpholin-4-ylethyl)amino]-3,7-dihydro-8H-imidazo[4,5-g]quinazolin-8-one
4 water water
#
_entity_poly.entity_id   1
_entity_poly.type   'polypeptide(L)'
_entity_poly.pdbx_seq_one_letter_code
;GSMVEATAQETDRPRFSFSIAAREGKARTGTIEMKRGVIRTPAFMPVGTAATVKALKPETVRATGADIILGNTYHLMLRP
GAERIAKLGGLHSFMGWDRPILTDSGGYQVMSLSSLTKQSEEGVTFKSHLDGSRHMLSPERSIEIQHLLGSDIVMAFDEC
TPYPATPSRAASSMERSMRWAKRSRDAFDSRKEQAENAALFGIQQGSVFENLRQQSADALAEIGFDGYAVGGLAVGEGQD
EMFRVLDFSVPMLPDDKPHYLMGCGKPDDIVGAVERGIDMFDCVLPTRSGRNGQAFTWDGPINIRNARFSEDLKPLDSEC
HCAVCQKWSRAYIHHLIRAGEILGAMLMTEHNIAFYQQLMQKIRDSISEGRFSQFAQDFRARYFARNS
;
_entity_poly.pdbx_strand_id   A
#
loop_
_chem_comp.id
_chem_comp.type
_chem_comp.name
_chem_comp.formula
CKR non-polymer 6-amino-2-[(2-morpholin-4-ylethyl)amino]-3,7-dihydro-8H-imidazo[4,5-g]quinazolin-8-one 'C15 H19 N7 O2'
ZN non-polymer 'ZINC ION' 'Zn 2'
#
# COMPACT_ATOMS: atom_id res chain seq x y z
N ARG A 13 17.70 -13.53 -8.83
CA ARG A 13 16.23 -13.46 -8.93
C ARG A 13 15.80 -12.83 -10.25
N PRO A 14 14.60 -13.20 -10.73
CA PRO A 14 14.05 -12.58 -11.94
C PRO A 14 13.61 -11.16 -11.73
N ARG A 15 13.35 -10.45 -12.82
CA ARG A 15 12.69 -9.15 -12.74
C ARG A 15 11.40 -9.23 -11.91
N PHE A 16 10.58 -10.25 -12.18
CA PHE A 16 9.28 -10.35 -11.52
C PHE A 16 8.72 -11.75 -11.68
N SER A 17 8.40 -12.38 -10.56
CA SER A 17 7.72 -13.68 -10.57
CA SER A 17 7.72 -13.67 -10.58
C SER A 17 6.80 -13.84 -9.37
N PHE A 18 5.51 -13.97 -9.64
CA PHE A 18 4.52 -14.16 -8.60
C PHE A 18 4.14 -15.63 -8.58
N SER A 19 4.33 -16.28 -7.44
CA SER A 19 3.99 -17.70 -7.27
C SER A 19 3.01 -17.88 -6.13
N ILE A 20 1.95 -18.63 -6.37
CA ILE A 20 0.95 -18.88 -5.34
C ILE A 20 1.20 -20.25 -4.73
N ALA A 21 1.45 -20.28 -3.42
CA ALA A 21 1.82 -21.51 -2.73
C ALA A 21 0.61 -22.23 -2.14
N ALA A 22 -0.41 -21.46 -1.77
CA ALA A 22 -1.59 -22.05 -1.15
C ALA A 22 -2.80 -21.13 -1.24
N ARG A 23 -3.97 -21.73 -1.21
CA ARG A 23 -5.23 -21.00 -1.32
C ARG A 23 -6.28 -21.50 -0.34
N GLU A 24 -7.17 -20.60 0.06
CA GLU A 24 -8.34 -20.94 0.85
C GLU A 24 -9.46 -19.98 0.46
N GLY A 25 -10.46 -20.50 -0.24
CA GLY A 25 -11.49 -19.65 -0.80
C GLY A 25 -10.86 -18.70 -1.80
N LYS A 26 -11.13 -17.41 -1.66
CA LYS A 26 -10.55 -16.41 -2.52
C LYS A 26 -9.15 -16.00 -2.07
N ALA A 27 -8.78 -16.39 -0.85
CA ALA A 27 -7.49 -15.98 -0.28
C ALA A 27 -6.32 -16.77 -0.85
N ARG A 28 -5.21 -16.07 -1.06
CA ARG A 28 -3.98 -16.68 -1.57
C ARG A 28 -2.80 -16.31 -0.68
N THR A 29 -1.81 -17.19 -0.60
CA THR A 29 -0.53 -16.81 -0.02
C THR A 29 0.57 -17.31 -0.94
N GLY A 30 1.64 -16.54 -1.04
CA GLY A 30 2.73 -16.90 -1.92
C GLY A 30 3.87 -15.90 -1.84
N THR A 31 4.55 -15.68 -2.96
CA THR A 31 5.73 -14.83 -2.97
C THR A 31 5.86 -14.11 -4.29
N ILE A 32 6.31 -12.86 -4.21
CA ILE A 32 6.75 -12.14 -5.39
C ILE A 32 8.27 -12.08 -5.36
N GLU A 33 8.93 -12.64 -6.37
CA GLU A 33 10.39 -12.51 -6.45
C GLU A 33 10.76 -11.34 -7.36
N MET A 34 11.62 -10.46 -6.86
CA MET A 34 12.15 -9.36 -7.66
C MET A 34 13.65 -9.28 -7.46
N LYS A 35 14.32 -8.44 -8.24
CA LYS A 35 15.78 -8.40 -8.17
C LYS A 35 16.27 -7.98 -6.79
N ARG A 36 15.59 -7.03 -6.15
CA ARG A 36 16.01 -6.55 -4.84
C ARG A 36 15.52 -7.38 -3.64
N GLY A 37 14.70 -8.39 -3.89
CA GLY A 37 14.29 -9.27 -2.80
C GLY A 37 12.97 -10.00 -3.02
N VAL A 38 12.64 -10.86 -2.06
CA VAL A 38 11.39 -11.61 -2.10
C VAL A 38 10.36 -10.92 -1.24
N ILE A 39 9.13 -10.84 -1.74
CA ILE A 39 8.01 -10.28 -1.00
C ILE A 39 7.02 -11.39 -0.66
N ARG A 40 6.80 -11.62 0.64
CA ARG A 40 5.82 -12.59 1.07
C ARG A 40 4.41 -12.02 1.01
N THR A 41 3.45 -12.74 0.43
CA THR A 41 2.08 -12.24 0.33
C THR A 41 1.10 -13.17 1.03
N PRO A 42 -0.01 -12.62 1.58
CA PRO A 42 -0.37 -11.19 1.62
C PRO A 42 0.66 -10.33 2.38
N ALA A 43 0.95 -9.16 1.81
CA ALA A 43 2.01 -8.26 2.27
C ALA A 43 1.46 -6.95 2.80
N PHE A 44 2.09 -6.40 3.84
CA PHE A 44 1.82 -5.03 4.26
C PHE A 44 3.05 -4.18 3.98
N MET A 45 2.83 -3.07 3.30
CA MET A 45 3.93 -2.19 2.89
C MET A 45 3.87 -0.91 3.71
N PRO A 46 4.84 -0.72 4.63
CA PRO A 46 4.87 0.57 5.32
C PRO A 46 5.08 1.71 4.35
N VAL A 47 4.45 2.85 4.64
CA VAL A 47 4.46 3.99 3.74
C VAL A 47 5.56 4.96 4.14
N GLY A 48 6.44 5.28 3.18
CA GLY A 48 7.57 6.15 3.42
C GLY A 48 7.49 7.41 2.60
N THR A 49 6.53 8.25 2.95
CA THR A 49 6.18 9.48 2.22
C THR A 49 7.35 10.30 1.68
N ALA A 50 8.10 10.94 2.58
CA ALA A 50 9.18 11.83 2.16
C ALA A 50 10.57 11.16 2.24
N ALA A 51 10.69 10.01 1.59
CA ALA A 51 11.92 9.22 1.57
C ALA A 51 12.32 8.79 2.97
N THR A 52 11.32 8.59 3.82
CA THR A 52 11.52 8.02 5.16
C THR A 52 10.23 7.38 5.67
N VAL A 53 10.34 6.20 6.28
CA VAL A 53 9.21 5.64 7.02
C VAL A 53 9.24 6.36 8.35
N LYS A 54 8.19 7.15 8.64
CA LYS A 54 8.24 8.11 9.74
C LYS A 54 8.79 7.55 11.06
N ALA A 55 9.85 8.20 11.55
CA ALA A 55 10.45 7.95 12.86
C ALA A 55 11.13 6.60 12.99
N LEU A 56 11.45 5.96 11.87
CA LEU A 56 12.13 4.66 11.90
C LEU A 56 13.33 4.61 10.95
N LYS A 57 14.46 4.10 11.44
CA LYS A 57 15.55 3.73 10.55
C LYS A 57 15.10 2.58 9.65
N PRO A 58 15.60 2.52 8.41
CA PRO A 58 15.31 1.36 7.55
C PRO A 58 15.58 0.01 8.22
N GLU A 59 16.66 -0.08 9.01
CA GLU A 59 17.01 -1.31 9.69
C GLU A 59 15.88 -1.73 10.63
N THR A 60 15.22 -0.76 11.25
CA THR A 60 14.11 -1.04 12.15
C THR A 60 12.87 -1.46 11.37
N VAL A 61 12.64 -0.81 10.25
CA VAL A 61 11.55 -1.19 9.34
C VAL A 61 11.72 -2.66 8.96
N ARG A 62 12.93 -3.04 8.58
CA ARG A 62 13.18 -4.42 8.18
C ARG A 62 12.98 -5.34 9.37
N ALA A 63 13.43 -4.92 10.55
CA ALA A 63 13.33 -5.79 11.73
C ALA A 63 11.88 -6.13 12.09
N THR A 64 10.95 -5.24 11.76
CA THR A 64 9.54 -5.52 12.06
C THR A 64 8.98 -6.59 11.15
N GLY A 65 9.68 -6.85 10.04
CA GLY A 65 9.30 -7.90 9.10
C GLY A 65 8.87 -7.41 7.73
N ALA A 66 9.01 -6.11 7.46
CA ALA A 66 8.63 -5.57 6.15
C ALA A 66 9.55 -6.06 5.03
N ASP A 67 8.95 -6.46 3.91
CA ASP A 67 9.69 -6.93 2.73
C ASP A 67 9.82 -5.84 1.66
N ILE A 68 8.94 -4.86 1.75
CA ILE A 68 8.86 -3.81 0.74
C ILE A 68 8.25 -2.57 1.43
N ILE A 69 8.64 -1.38 1.00
CA ILE A 69 8.00 -0.16 1.48
C ILE A 69 7.44 0.63 0.30
N LEU A 70 6.58 1.60 0.61
CA LEU A 70 5.97 2.42 -0.41
C LEU A 70 6.56 3.83 -0.43
N GLY A 71 6.79 4.38 -1.62
CA GLY A 71 7.09 5.80 -1.77
C GLY A 71 6.07 6.47 -2.68
N ASN A 72 6.15 7.79 -2.84
CA ASN A 72 5.13 8.53 -3.59
C ASN A 72 5.73 9.45 -4.66
N THR A 73 5.29 9.29 -5.91
CA THR A 73 5.77 10.17 -6.99
C THR A 73 5.54 11.65 -6.67
N TYR A 74 4.34 11.96 -6.16
CA TYR A 74 3.96 13.33 -5.89
C TYR A 74 4.85 14.01 -4.85
N HIS A 75 4.98 13.40 -3.68
CA HIS A 75 5.73 14.02 -2.59
C HIS A 75 7.21 14.17 -2.94
N LEU A 76 7.80 13.14 -3.54
CA LEU A 76 9.22 13.15 -3.84
C LEU A 76 9.57 14.11 -4.98
N MET A 77 8.65 14.31 -5.93
CA MET A 77 8.94 15.24 -7.02
C MET A 77 8.96 16.67 -6.50
N LEU A 78 8.23 16.92 -5.42
CA LEU A 78 8.22 18.25 -4.82
C LEU A 78 9.43 18.49 -3.92
N ARG A 79 9.79 17.47 -3.17
CA ARG A 79 10.91 17.58 -2.21
C ARG A 79 11.42 16.19 -1.92
N PRO A 80 12.70 15.92 -2.23
CA PRO A 80 13.79 16.79 -2.70
C PRO A 80 13.86 17.02 -4.20
N GLY A 81 13.01 16.34 -4.98
CA GLY A 81 13.06 16.41 -6.43
C GLY A 81 13.53 15.10 -7.04
N ALA A 82 12.90 14.69 -8.13
CA ALA A 82 13.17 13.38 -8.73
C ALA A 82 14.54 13.37 -9.40
N GLU A 83 14.85 14.43 -10.13
CA GLU A 83 16.12 14.56 -10.80
C GLU A 83 17.23 14.57 -9.77
N ARG A 84 16.99 15.25 -8.64
CA ARG A 84 17.99 15.31 -7.57
C ARG A 84 18.27 13.92 -7.02
N ILE A 85 17.23 13.17 -6.68
CA ILE A 85 17.41 11.81 -6.17
C ILE A 85 18.16 10.94 -7.18
N ALA A 86 17.88 11.09 -8.48
CA ALA A 86 18.61 10.31 -9.49
C ALA A 86 20.10 10.64 -9.49
N LYS A 87 20.42 11.93 -9.38
CA LYS A 87 21.80 12.36 -9.36
C LYS A 87 22.52 11.80 -8.14
N LEU A 88 21.78 11.61 -7.05
CA LEU A 88 22.39 11.16 -5.82
C LEU A 88 22.43 9.63 -5.73
N GLY A 89 21.96 8.96 -6.78
CA GLY A 89 22.07 7.51 -6.87
C GLY A 89 20.77 6.74 -6.72
N GLY A 90 19.64 7.45 -6.63
CA GLY A 90 18.33 6.78 -6.58
C GLY A 90 17.79 6.68 -5.16
N LEU A 91 16.52 6.31 -5.03
CA LEU A 91 15.84 6.41 -3.74
C LEU A 91 16.40 5.42 -2.73
N HIS A 92 16.71 4.22 -3.19
CA HIS A 92 17.25 3.17 -2.33
C HIS A 92 18.54 3.60 -1.66
N SER A 93 19.45 4.09 -2.48
CA SER A 93 20.72 4.63 -1.98
C SER A 93 20.51 5.84 -1.06
N PHE A 94 19.69 6.77 -1.52
CA PHE A 94 19.40 8.00 -0.79
C PHE A 94 18.92 7.73 0.64
N MET A 95 17.91 6.86 0.80
CA MET A 95 17.32 6.63 2.12
C MET A 95 17.89 5.42 2.86
N GLY A 96 18.65 4.57 2.18
CA GLY A 96 19.28 3.45 2.85
C GLY A 96 18.40 2.23 3.01
N TRP A 97 17.48 2.03 2.07
CA TRP A 97 16.65 0.82 2.05
C TRP A 97 16.95 0.09 0.74
N ASP A 98 17.47 -1.12 0.83
CA ASP A 98 17.96 -1.80 -0.38
C ASP A 98 17.03 -2.89 -0.92
N ARG A 99 15.84 -3.02 -0.33
CA ARG A 99 14.85 -4.01 -0.73
C ARG A 99 13.84 -3.36 -1.68
N PRO A 100 12.87 -4.12 -2.20
CA PRO A 100 11.94 -3.50 -3.14
C PRO A 100 11.19 -2.29 -2.59
N ILE A 101 10.91 -1.35 -3.49
CA ILE A 101 10.09 -0.18 -3.19
C ILE A 101 9.01 -0.08 -4.26
N LEU A 102 7.78 0.10 -3.81
CA LEU A 102 6.66 0.41 -4.70
C LEU A 102 6.42 1.90 -4.64
N THR A 103 6.23 2.54 -5.79
CA THR A 103 5.89 3.95 -5.80
C THR A 103 4.51 4.22 -6.38
N ASP A 104 3.68 4.97 -5.67
CA ASP A 104 2.41 5.41 -6.25
C ASP A 104 2.71 6.44 -7.33
N SER A 105 1.73 6.70 -8.20
CA SER A 105 2.02 7.44 -9.42
C SER A 105 1.74 8.94 -9.32
N GLY A 106 1.07 9.34 -8.24
CA GLY A 106 0.67 10.72 -8.09
C GLY A 106 -0.80 10.94 -8.41
N GLY A 107 -1.46 9.90 -8.93
CA GLY A 107 -2.85 10.01 -9.34
C GLY A 107 -3.80 10.43 -8.23
N TYR A 108 -3.47 10.04 -7.01
CA TYR A 108 -4.29 10.33 -5.85
C TYR A 108 -3.91 11.63 -5.15
N GLN A 109 -2.61 11.79 -4.91
CA GLN A 109 -2.09 12.79 -3.99
C GLN A 109 -2.20 14.22 -4.52
N VAL A 110 -2.09 14.37 -5.83
CA VAL A 110 -2.28 15.70 -6.43
C VAL A 110 -3.67 16.21 -6.10
N MET A 111 -4.65 15.30 -6.18
CA MET A 111 -6.05 15.68 -5.96
C MET A 111 -6.39 15.98 -4.50
N SER A 112 -5.81 15.23 -3.58
CA SER A 112 -6.08 15.45 -2.17
C SER A 112 -5.26 16.59 -1.58
N LEU A 113 -4.00 16.70 -2.01
CA LEU A 113 -3.10 17.73 -1.53
C LEU A 113 -2.90 18.82 -2.57
N THR A 117 -5.16 23.62 -9.50
CA THR A 117 -4.93 22.41 -10.28
C THR A 117 -5.75 22.42 -11.56
N LYS A 118 -5.15 21.95 -12.66
CA LYS A 118 -5.82 21.96 -13.95
C LYS A 118 -5.65 20.61 -14.62
N GLN A 119 -6.79 19.98 -14.95
CA GLN A 119 -6.76 18.65 -15.54
C GLN A 119 -7.07 18.73 -17.03
N SER A 120 -6.51 17.79 -17.78
CA SER A 120 -6.81 17.66 -19.20
C SER A 120 -6.51 16.25 -19.61
N GLU A 121 -6.82 15.91 -20.86
CA GLU A 121 -6.51 14.57 -21.35
C GLU A 121 -5.00 14.32 -21.35
N GLU A 122 -4.21 15.38 -21.38
CA GLU A 122 -2.75 15.21 -21.40
C GLU A 122 -2.19 14.86 -20.03
N GLY A 123 -2.81 15.41 -18.98
CA GLY A 123 -2.37 15.17 -17.62
C GLY A 123 -2.85 16.24 -16.68
N VAL A 124 -2.09 16.51 -15.62
CA VAL A 124 -2.51 17.50 -14.65
C VAL A 124 -1.38 18.47 -14.31
N THR A 125 -1.72 19.76 -14.28
CA THR A 125 -0.77 20.78 -13.85
C THR A 125 -1.26 21.31 -12.51
N PHE A 126 -0.34 21.55 -11.59
CA PHE A 126 -0.74 21.94 -10.24
C PHE A 126 0.31 22.81 -9.56
N LYS A 127 -0.10 23.46 -8.47
CA LYS A 127 0.83 24.26 -7.68
C LYS A 127 1.18 23.50 -6.39
N SER A 128 2.47 23.48 -6.07
CA SER A 128 2.94 22.89 -4.81
C SER A 128 2.29 23.55 -3.60
N SER A 133 4.84 27.45 -6.81
CA SER A 133 5.66 26.39 -7.38
C SER A 133 4.81 25.45 -8.24
N ARG A 134 4.85 25.66 -9.56
CA ARG A 134 3.98 24.92 -10.46
C ARG A 134 4.65 23.65 -10.99
N HIS A 135 3.84 22.61 -11.19
CA HIS A 135 4.37 21.32 -11.61
C HIS A 135 3.41 20.59 -12.56
N MET A 136 3.95 19.62 -13.29
CA MET A 136 3.16 18.87 -14.25
C MET A 136 3.26 17.37 -13.99
N LEU A 137 2.14 16.67 -14.15
CA LEU A 137 2.15 15.22 -14.15
C LEU A 137 1.33 14.70 -15.33
N SER A 138 1.87 13.70 -15.99
CA SER A 138 1.22 13.03 -17.10
C SER A 138 1.59 11.58 -16.95
N PRO A 139 0.97 10.68 -17.73
CA PRO A 139 1.42 9.29 -17.67
C PRO A 139 2.92 9.17 -17.94
N GLU A 140 3.39 9.88 -18.97
CA GLU A 140 4.80 9.82 -19.33
C GLU A 140 5.71 10.41 -18.25
N ARG A 141 5.32 11.53 -17.65
CA ARG A 141 6.19 12.16 -16.66
C ARG A 141 6.18 11.36 -15.37
N SER A 142 5.04 10.77 -15.04
CA SER A 142 4.91 9.98 -13.82
C SER A 142 5.78 8.72 -13.90
N ILE A 143 5.76 8.06 -15.04
CA ILE A 143 6.60 6.88 -15.25
C ILE A 143 8.07 7.28 -15.25
N GLU A 144 8.38 8.45 -15.83
CA GLU A 144 9.77 8.93 -15.83
C GLU A 144 10.27 9.21 -14.42
N ILE A 145 9.45 9.89 -13.62
CA ILE A 145 9.81 10.15 -12.24
C ILE A 145 10.06 8.84 -11.48
N GLN A 146 9.22 7.84 -11.69
CA GLN A 146 9.41 6.58 -10.98
C GLN A 146 10.70 5.90 -11.43
N HIS A 147 11.04 6.07 -12.69
CA HIS A 147 12.32 5.60 -13.19
C HIS A 147 13.48 6.32 -12.51
N LEU A 148 13.40 7.64 -12.42
CA LEU A 148 14.47 8.43 -11.81
C LEU A 148 14.67 8.04 -10.34
N LEU A 149 13.58 7.70 -9.68
CA LEU A 149 13.61 7.26 -8.28
C LEU A 149 14.22 5.87 -8.18
N GLY A 150 14.12 5.10 -9.26
CA GLY A 150 14.61 3.73 -9.26
C GLY A 150 13.64 2.74 -8.63
N SER A 151 12.35 3.03 -8.71
CA SER A 151 11.36 2.18 -8.06
C SER A 151 11.27 0.81 -8.72
N ASP A 152 10.92 -0.17 -7.91
CA ASP A 152 10.86 -1.56 -8.35
C ASP A 152 9.46 -1.93 -8.84
N ILE A 153 8.45 -1.45 -8.13
CA ILE A 153 7.09 -1.62 -8.62
C ILE A 153 6.53 -0.23 -8.93
N VAL A 154 6.32 -0.02 -10.22
CA VAL A 154 5.86 1.25 -10.77
C VAL A 154 4.34 1.19 -10.92
N MET A 155 3.62 2.20 -10.42
CA MET A 155 2.18 2.24 -10.62
C MET A 155 1.83 3.06 -11.86
N ALA A 156 0.87 2.58 -12.64
CA ALA A 156 0.33 3.36 -13.74
C ALA A 156 -0.19 4.69 -13.23
N PHE A 157 -0.14 5.72 -14.07
CA PHE A 157 -0.73 7.01 -13.71
C PHE A 157 -2.23 7.04 -14.00
N ASP A 158 -3.03 7.24 -12.96
CA ASP A 158 -4.48 7.24 -13.08
C ASP A 158 -5.14 8.52 -12.59
N GLU A 159 -6.46 8.53 -12.67
CA GLU A 159 -7.31 9.54 -12.06
C GLU A 159 -8.14 8.84 -10.98
N CYS A 160 -7.94 9.20 -9.71
CA CYS A 160 -8.73 8.59 -8.63
C CYS A 160 -10.09 9.28 -8.56
N THR A 161 -11.12 8.54 -8.92
CA THR A 161 -12.47 9.07 -8.96
C THR A 161 -12.97 9.46 -7.56
N PRO A 162 -13.43 10.70 -7.39
CA PRO A 162 -13.99 11.14 -6.12
C PRO A 162 -15.20 10.30 -5.71
N TYR A 163 -15.47 10.20 -4.42
CA TYR A 163 -16.66 9.51 -3.95
C TYR A 163 -17.53 10.46 -3.12
N PRO A 164 -18.84 10.50 -3.40
CA PRO A 164 -19.54 9.70 -4.41
C PRO A 164 -19.45 10.28 -5.82
N ALA A 165 -19.57 9.41 -6.81
CA ALA A 165 -19.52 9.81 -8.21
C ALA A 165 -20.75 9.28 -8.93
N THR A 166 -21.28 10.09 -9.85
CA THR A 166 -22.38 9.63 -10.68
C THR A 166 -21.84 8.59 -11.65
N PRO A 167 -22.72 7.73 -12.17
CA PRO A 167 -22.29 6.72 -13.17
C PRO A 167 -21.65 7.37 -14.39
N SER A 168 -22.19 8.49 -14.87
CA SER A 168 -21.58 9.17 -15.99
C SER A 168 -20.15 9.63 -15.68
N ARG A 169 -19.96 10.30 -14.55
CA ARG A 169 -18.65 10.80 -14.12
C ARG A 169 -17.67 9.66 -13.85
N ALA A 170 -18.16 8.62 -13.18
CA ALA A 170 -17.32 7.47 -12.89
C ALA A 170 -16.83 6.82 -14.19
N ALA A 171 -17.74 6.72 -15.16
CA ALA A 171 -17.39 6.15 -16.46
C ALA A 171 -16.37 6.98 -17.21
N SER A 172 -16.58 8.30 -17.29
CA SER A 172 -15.64 9.20 -17.96
C SER A 172 -14.27 9.12 -17.33
N SER A 173 -14.23 9.08 -16.00
CA SER A 173 -12.97 9.05 -15.28
C SER A 173 -12.27 7.72 -15.52
N MET A 174 -13.04 6.63 -15.45
CA MET A 174 -12.49 5.31 -15.64
C MET A 174 -11.90 5.17 -17.03
N GLU A 175 -12.61 5.70 -18.02
CA GLU A 175 -12.16 5.62 -19.41
C GLU A 175 -10.86 6.39 -19.62
N ARG A 176 -10.77 7.58 -19.04
CA ARG A 176 -9.53 8.35 -19.13
C ARG A 176 -8.40 7.58 -18.46
N SER A 177 -8.68 6.99 -17.30
CA SER A 177 -7.65 6.23 -16.59
C SER A 177 -7.16 5.06 -17.44
N MET A 178 -8.06 4.44 -18.20
CA MET A 178 -7.67 3.30 -19.04
C MET A 178 -6.82 3.77 -20.23
N ARG A 179 -7.15 4.94 -20.78
CA ARG A 179 -6.30 5.51 -21.83
C ARG A 179 -4.92 5.84 -21.25
N TRP A 180 -4.91 6.33 -20.02
CA TRP A 180 -3.66 6.67 -19.34
C TRP A 180 -2.91 5.41 -18.94
N ALA A 181 -3.63 4.31 -18.72
CA ALA A 181 -2.96 3.03 -18.39
C ALA A 181 -2.16 2.55 -19.61
N LYS A 182 -2.74 2.69 -20.79
CA LYS A 182 -2.02 2.35 -22.03
C LYS A 182 -0.79 3.24 -22.22
N ARG A 183 -0.94 4.54 -21.97
CA ARG A 183 0.20 5.43 -22.10
C ARG A 183 1.29 5.09 -21.08
N SER A 184 0.87 4.68 -19.89
CA SER A 184 1.81 4.26 -18.84
C SER A 184 2.61 3.05 -19.29
N ARG A 185 1.89 2.06 -19.81
CA ARG A 185 2.46 0.83 -20.33
C ARG A 185 3.50 1.12 -21.41
N ASP A 186 3.16 1.96 -22.38
CA ASP A 186 4.07 2.25 -23.48
C ASP A 186 5.29 3.06 -23.03
N ALA A 187 5.07 4.02 -22.12
CA ALA A 187 6.18 4.81 -21.59
C ALA A 187 7.17 3.91 -20.83
N PHE A 188 6.62 2.99 -20.05
CA PHE A 188 7.42 2.02 -19.28
C PHE A 188 8.22 1.13 -20.23
N ASP A 189 7.56 0.61 -21.26
CA ASP A 189 8.20 -0.34 -22.17
C ASP A 189 9.29 0.30 -23.04
N SER A 190 9.13 1.59 -23.33
CA SER A 190 10.05 2.29 -24.22
C SER A 190 11.35 2.67 -23.52
N ARG A 191 11.39 2.44 -22.21
CA ARG A 191 12.58 2.73 -21.42
C ARG A 191 13.23 1.43 -20.97
N LYS A 192 14.27 1.02 -21.70
CA LYS A 192 14.82 -0.33 -21.58
C LYS A 192 15.26 -0.73 -20.16
N GLU A 193 16.01 0.14 -19.50
CA GLU A 193 16.49 -0.17 -18.15
C GLU A 193 15.34 -0.40 -17.18
N GLN A 194 14.28 0.38 -17.36
CA GLN A 194 13.10 0.25 -16.53
C GLN A 194 12.31 -1.03 -16.86
N ALA A 195 12.10 -1.29 -18.14
CA ALA A 195 11.31 -2.46 -18.55
C ALA A 195 12.00 -3.77 -18.13
N GLU A 196 13.32 -3.75 -18.04
CA GLU A 196 14.05 -4.98 -17.80
C GLU A 196 14.27 -5.24 -16.32
N ASN A 197 14.05 -4.23 -15.48
CA ASN A 197 14.44 -4.36 -14.08
C ASN A 197 13.32 -4.08 -13.08
N ALA A 198 12.27 -3.43 -13.55
CA ALA A 198 11.14 -3.10 -12.68
C ALA A 198 9.86 -3.78 -13.17
N ALA A 199 8.80 -3.68 -12.38
CA ALA A 199 7.48 -4.17 -12.76
C ALA A 199 6.49 -3.02 -12.83
N LEU A 200 5.40 -3.25 -13.55
CA LEU A 200 4.37 -2.22 -13.76
C LEU A 200 3.00 -2.77 -13.39
N PHE A 201 2.30 -2.06 -12.50
CA PHE A 201 0.94 -2.45 -12.09
C PHE A 201 -0.09 -1.50 -12.67
N GLY A 202 -1.21 -2.04 -13.15
CA GLY A 202 -2.34 -1.23 -13.60
C GLY A 202 -3.30 -0.98 -12.46
N ILE A 203 -4.11 0.06 -12.57
CA ILE A 203 -5.05 0.41 -11.51
C ILE A 203 -6.49 0.40 -12.01
N GLN A 204 -7.31 -0.49 -11.44
CA GLN A 204 -8.70 -0.59 -11.81
C GLN A 204 -9.49 0.58 -11.21
N GLN A 205 -10.35 1.19 -12.02
CA GLN A 205 -11.27 2.22 -11.51
C GLN A 205 -12.72 1.81 -11.81
N GLY A 206 -13.65 2.74 -11.67
CA GLY A 206 -15.04 2.42 -11.93
C GLY A 206 -15.96 2.68 -10.74
N SER A 207 -15.40 3.28 -9.70
CA SER A 207 -16.16 3.65 -8.50
C SER A 207 -16.84 2.42 -7.88
N VAL A 208 -18.14 2.51 -7.58
CA VAL A 208 -18.81 1.39 -6.94
C VAL A 208 -19.68 0.63 -7.92
N PHE A 209 -19.45 0.87 -9.21
CA PHE A 209 -20.34 0.32 -10.24
C PHE A 209 -19.74 -0.93 -10.89
N GLU A 210 -20.47 -2.04 -10.81
CA GLU A 210 -19.95 -3.33 -11.27
C GLU A 210 -19.59 -3.33 -12.76
N ASN A 211 -20.45 -2.75 -13.60
CA ASN A 211 -20.20 -2.77 -15.04
C ASN A 211 -18.96 -1.96 -15.41
N LEU A 212 -18.71 -0.87 -14.69
CA LEU A 212 -17.54 -0.04 -14.95
C LEU A 212 -16.27 -0.74 -14.48
N ARG A 213 -16.35 -1.40 -13.32
CA ARG A 213 -15.23 -2.19 -12.83
C ARG A 213 -14.89 -3.31 -13.80
N GLN A 214 -15.92 -3.90 -14.41
CA GLN A 214 -15.71 -4.96 -15.40
C GLN A 214 -15.01 -4.40 -16.63
N GLN A 215 -15.51 -3.29 -17.16
CA GLN A 215 -14.87 -2.66 -18.31
C GLN A 215 -13.41 -2.32 -18.02
N SER A 216 -13.17 -1.83 -16.81
CA SER A 216 -11.83 -1.41 -16.41
C SER A 216 -10.89 -2.63 -16.33
N ALA A 217 -11.37 -3.70 -15.71
CA ALA A 217 -10.59 -4.93 -15.62
C ALA A 217 -10.26 -5.50 -17.01
N ASP A 218 -11.24 -5.49 -17.91
CA ASP A 218 -11.05 -5.98 -19.29
C ASP A 218 -9.98 -5.18 -20.02
N ALA A 219 -10.08 -3.85 -19.93
CA ALA A 219 -9.08 -2.95 -20.51
C ALA A 219 -7.66 -3.22 -19.99
N LEU A 220 -7.54 -3.35 -18.67
CA LEU A 220 -6.23 -3.53 -18.07
C LEU A 220 -5.66 -4.89 -18.45
N ALA A 221 -6.52 -5.92 -18.46
CA ALA A 221 -6.04 -7.25 -18.81
C ALA A 221 -5.61 -7.29 -20.27
N GLU A 222 -6.29 -6.53 -21.12
CA GLU A 222 -5.94 -6.53 -22.54
C GLU A 222 -4.56 -5.88 -22.76
N ILE A 223 -4.30 -4.83 -22.01
CA ILE A 223 -3.01 -4.14 -22.06
C ILE A 223 -1.92 -5.04 -21.47
N GLY A 224 -2.21 -5.62 -20.31
CA GLY A 224 -1.30 -6.54 -19.66
C GLY A 224 -0.37 -5.84 -18.69
N PHE A 225 -0.45 -6.24 -17.43
CA PHE A 225 0.39 -5.68 -16.37
C PHE A 225 0.95 -6.80 -15.50
N ASP A 226 1.96 -6.48 -14.70
CA ASP A 226 2.58 -7.45 -13.79
C ASP A 226 1.74 -7.66 -12.54
N GLY A 227 0.86 -6.71 -12.28
CA GLY A 227 -0.03 -6.75 -11.13
C GLY A 227 -1.17 -5.77 -11.32
N TYR A 228 -2.23 -5.93 -10.52
CA TYR A 228 -3.44 -5.13 -10.70
C TYR A 228 -3.90 -4.59 -9.35
N ALA A 229 -4.05 -3.27 -9.29
CA ALA A 229 -4.50 -2.66 -8.06
C ALA A 229 -5.97 -2.34 -8.17
N VAL A 230 -6.65 -2.40 -7.04
CA VAL A 230 -8.03 -1.90 -6.96
C VAL A 230 -7.95 -0.47 -6.44
N GLY A 231 -8.17 0.48 -7.34
CA GLY A 231 -8.13 1.89 -6.98
C GLY A 231 -9.52 2.42 -6.70
N GLY A 232 -9.59 3.69 -6.33
CA GLY A 232 -10.87 4.34 -6.14
C GLY A 232 -11.63 3.94 -4.88
N LEU A 233 -10.98 3.20 -4.00
CA LEU A 233 -11.60 2.85 -2.72
C LEU A 233 -10.84 3.45 -1.56
N ALA A 234 -11.29 3.19 -0.34
CA ALA A 234 -10.74 3.83 0.86
C ALA A 234 -10.77 5.35 0.70
N VAL A 235 -11.91 5.85 0.23
CA VAL A 235 -12.10 7.27 -0.05
C VAL A 235 -13.37 7.80 0.61
N GLY A 236 -13.82 7.12 1.66
CA GLY A 236 -14.94 7.59 2.46
C GLY A 236 -16.20 6.77 2.29
N GLU A 237 -16.09 5.65 1.58
CA GLU A 237 -17.28 4.86 1.27
C GLU A 237 -17.65 3.95 2.44
N GLY A 238 -16.71 3.71 3.34
CA GLY A 238 -16.96 2.85 4.48
C GLY A 238 -16.66 1.39 4.20
N GLN A 239 -16.42 0.62 5.25
CA GLN A 239 -15.96 -0.76 5.07
C GLN A 239 -16.98 -1.64 4.37
N ASP A 240 -18.26 -1.49 4.71
CA ASP A 240 -19.31 -2.31 4.10
C ASP A 240 -19.29 -2.13 2.59
N GLU A 241 -19.25 -0.88 2.13
CA GLU A 241 -19.24 -0.59 0.70
C GLU A 241 -17.96 -1.10 0.03
N MET A 242 -16.83 -0.85 0.68
CA MET A 242 -15.56 -1.35 0.16
C MET A 242 -15.59 -2.85 -0.03
N PHE A 243 -16.06 -3.56 0.97
CA PHE A 243 -16.12 -5.02 0.89
C PHE A 243 -17.09 -5.44 -0.22
N ARG A 244 -18.22 -4.73 -0.32
CA ARG A 244 -19.20 -5.03 -1.37
C ARG A 244 -18.59 -4.88 -2.76
N VAL A 245 -17.84 -3.80 -2.97
CA VAL A 245 -17.18 -3.58 -4.25
C VAL A 245 -16.07 -4.60 -4.50
N LEU A 246 -15.29 -4.91 -3.46
CA LEU A 246 -14.25 -5.94 -3.60
C LEU A 246 -14.85 -7.31 -3.94
N ASP A 247 -16.06 -7.57 -3.45
CA ASP A 247 -16.72 -8.86 -3.70
C ASP A 247 -16.80 -9.19 -5.18
N PHE A 248 -17.19 -8.21 -6.00
CA PHE A 248 -17.28 -8.48 -7.43
C PHE A 248 -16.09 -7.97 -8.23
N SER A 249 -15.29 -7.07 -7.66
CA SER A 249 -14.21 -6.46 -8.44
C SER A 249 -12.97 -7.34 -8.53
N VAL A 250 -12.58 -7.93 -7.41
CA VAL A 250 -11.33 -8.72 -7.43
C VAL A 250 -11.38 -9.94 -8.37
N PRO A 251 -12.50 -10.68 -8.41
CA PRO A 251 -12.52 -11.82 -9.35
C PRO A 251 -12.44 -11.43 -10.84
N MET A 252 -12.65 -10.16 -11.15
CA MET A 252 -12.51 -9.68 -12.52
C MET A 252 -11.05 -9.59 -12.95
N LEU A 253 -10.15 -9.55 -11.96
CA LEU A 253 -8.73 -9.34 -12.22
C LEU A 253 -8.07 -10.68 -12.57
N PRO A 254 -6.99 -10.63 -13.38
CA PRO A 254 -6.27 -11.88 -13.66
C PRO A 254 -5.85 -12.58 -12.37
N ASP A 255 -6.16 -13.87 -12.29
CA ASP A 255 -5.94 -14.62 -11.06
C ASP A 255 -4.46 -14.83 -10.74
N ASP A 256 -3.63 -14.97 -11.77
CA ASP A 256 -2.22 -15.31 -11.59
C ASP A 256 -1.28 -14.12 -11.40
N LYS A 257 -1.85 -12.95 -11.10
CA LYS A 257 -1.04 -11.76 -10.79
C LYS A 257 -1.47 -11.20 -9.43
N PRO A 258 -0.57 -10.46 -8.75
CA PRO A 258 -0.91 -9.91 -7.44
C PRO A 258 -2.05 -8.91 -7.51
N HIS A 259 -2.83 -8.84 -6.43
CA HIS A 259 -3.92 -7.88 -6.33
C HIS A 259 -3.64 -6.94 -5.17
N TYR A 260 -3.66 -5.63 -5.45
CA TYR A 260 -3.24 -4.64 -4.48
C TYR A 260 -4.39 -3.68 -4.18
N LEU A 261 -4.81 -3.62 -2.92
CA LEU A 261 -5.81 -2.65 -2.49
C LEU A 261 -5.10 -1.39 -2.04
N MET A 262 -5.39 -0.28 -2.71
CA MET A 262 -4.71 0.97 -2.41
C MET A 262 -5.41 1.71 -1.27
N GLY A 263 -4.67 1.98 -0.20
CA GLY A 263 -5.18 2.79 0.91
C GLY A 263 -5.45 2.03 2.20
N CYS A 264 -5.33 2.72 3.33
CA CYS A 264 -5.64 2.12 4.64
C CYS A 264 -7.03 1.49 4.63
N GLY A 265 -7.13 0.22 5.04
CA GLY A 265 -5.96 -0.57 5.38
C GLY A 265 -5.78 -0.83 6.86
N LYS A 266 -6.80 -0.53 7.66
CA LYS A 266 -6.83 -0.91 9.07
C LYS A 266 -6.80 -2.44 9.18
N PRO A 267 -6.40 -2.99 10.35
CA PRO A 267 -6.24 -4.45 10.44
C PRO A 267 -7.49 -5.23 10.04
N ASP A 268 -8.67 -4.80 10.49
CA ASP A 268 -9.89 -5.48 10.10
C ASP A 268 -10.18 -5.35 8.59
N ASP A 269 -9.78 -4.22 7.98
CA ASP A 269 -9.94 -4.08 6.54
C ASP A 269 -9.10 -5.11 5.81
N ILE A 270 -7.87 -5.31 6.29
CA ILE A 270 -6.92 -6.25 5.68
C ILE A 270 -7.45 -7.66 5.70
N VAL A 271 -7.92 -8.10 6.87
CA VAL A 271 -8.44 -9.46 7.00
C VAL A 271 -9.58 -9.70 6.02
N GLY A 272 -10.56 -8.79 6.00
CA GLY A 272 -11.69 -8.94 5.10
C GLY A 272 -11.28 -8.86 3.64
N ALA A 273 -10.32 -8.01 3.33
CA ALA A 273 -9.88 -7.88 1.95
C ALA A 273 -9.10 -9.12 1.48
N VAL A 274 -8.35 -9.75 2.38
CA VAL A 274 -7.66 -11.01 2.03
C VAL A 274 -8.70 -12.09 1.77
N GLU A 275 -9.76 -12.10 2.57
CA GLU A 275 -10.88 -13.02 2.36
C GLU A 275 -11.48 -12.83 0.97
N ARG A 276 -11.21 -11.68 0.37
CA ARG A 276 -11.78 -11.34 -0.93
C ARG A 276 -10.73 -11.38 -2.05
N GLY A 277 -9.51 -11.83 -1.74
CA GLY A 277 -8.53 -12.11 -2.78
C GLY A 277 -7.46 -11.05 -2.98
N ILE A 278 -7.37 -10.09 -2.07
CA ILE A 278 -6.31 -9.08 -2.14
C ILE A 278 -4.99 -9.63 -1.57
N ASP A 279 -3.87 -9.28 -2.22
CA ASP A 279 -2.53 -9.77 -1.84
C ASP A 279 -1.61 -8.71 -1.23
N MET A 280 -1.90 -7.43 -1.47
CA MET A 280 -0.99 -6.37 -1.04
C MET A 280 -1.76 -5.19 -0.45
N PHE A 281 -1.14 -4.56 0.55
CA PHE A 281 -1.78 -3.53 1.38
C PHE A 281 -0.82 -2.42 1.76
N ASP A 282 -1.35 -1.22 1.94
CA ASP A 282 -0.58 -0.12 2.52
C ASP A 282 -1.46 0.64 3.51
N CYS A 283 -0.84 1.36 4.44
CA CYS A 283 -1.58 2.20 5.37
C CYS A 283 -0.66 3.18 6.11
N VAL A 284 -1.05 4.45 6.14
CA VAL A 284 -0.22 5.49 6.78
C VAL A 284 -0.50 5.61 8.28
N GLY A 293 -1.48 8.85 18.88
CA GLY A 293 -1.61 8.16 20.15
C GLY A 293 -2.24 6.77 20.05
N GLN A 294 -2.62 6.38 18.84
CA GLN A 294 -3.31 5.12 18.63
C GLN A 294 -2.35 3.93 18.45
N ALA A 295 -2.53 2.93 19.31
CA ALA A 295 -1.74 1.71 19.30
C ALA A 295 -2.64 0.51 19.01
N PHE A 296 -2.23 -0.33 18.06
CA PHE A 296 -3.02 -1.52 17.74
C PHE A 296 -2.73 -2.65 18.72
N THR A 297 -3.79 -3.35 19.13
CA THR A 297 -3.65 -4.53 19.98
C THR A 297 -4.60 -5.61 19.47
N TRP A 298 -4.41 -6.85 19.89
CA TRP A 298 -5.26 -7.93 19.44
C TRP A 298 -6.67 -7.79 20.03
N ASP A 299 -6.80 -6.94 21.05
CA ASP A 299 -8.11 -6.65 21.64
C ASP A 299 -8.68 -5.32 21.14
N GLY A 300 -8.15 -4.83 20.01
CA GLY A 300 -8.63 -3.60 19.42
C GLY A 300 -7.66 -2.48 19.71
N PRO A 301 -7.83 -1.32 19.04
CA PRO A 301 -6.91 -0.21 19.28
C PRO A 301 -7.11 0.45 20.65
N ILE A 302 -6.03 1.01 21.18
CA ILE A 302 -6.12 1.85 22.37
C ILE A 302 -5.54 3.21 22.04
N ASN A 303 -5.99 4.26 22.75
CA ASN A 303 -5.29 5.53 22.65
C ASN A 303 -4.42 5.72 23.87
N ILE A 304 -3.12 5.66 23.67
CA ILE A 304 -2.18 5.63 24.76
C ILE A 304 -2.20 6.93 25.58
N ARG A 305 -2.72 8.00 24.98
CA ARG A 305 -2.84 9.28 25.68
C ARG A 305 -3.82 9.22 26.84
N ASN A 306 -4.72 8.23 26.83
CA ASN A 306 -5.76 8.18 27.85
C ASN A 306 -5.17 8.04 29.25
N ALA A 307 -5.71 8.81 30.18
CA ALA A 307 -5.23 8.85 31.57
C ALA A 307 -5.14 7.47 32.23
N ARG A 308 -5.97 6.54 31.79
CA ARG A 308 -5.99 5.23 32.44
C ARG A 308 -4.71 4.43 32.20
N PHE A 309 -3.85 4.91 31.30
CA PHE A 309 -2.58 4.21 31.07
C PHE A 309 -1.40 4.85 31.79
N SER A 310 -1.66 5.89 32.58
CA SER A 310 -0.56 6.67 33.17
C SER A 310 0.31 5.86 34.12
N GLU A 311 -0.22 4.76 34.64
CA GLU A 311 0.53 3.94 35.61
C GLU A 311 0.40 2.44 35.27
N ASP A 312 0.07 2.20 34.01
CA ASP A 312 -0.06 0.85 33.47
C ASP A 312 1.32 0.32 33.09
N LEU A 313 1.82 -0.66 33.83
CA LEU A 313 3.16 -1.20 33.60
C LEU A 313 3.21 -2.24 32.47
N LYS A 314 2.04 -2.63 31.95
CA LYS A 314 1.98 -3.65 30.89
C LYS A 314 2.48 -3.07 29.57
N PRO A 315 2.98 -3.92 28.65
CA PRO A 315 3.35 -3.42 27.33
C PRO A 315 2.13 -3.01 26.51
N LEU A 316 2.34 -2.35 25.38
CA LEU A 316 1.21 -1.93 24.54
C LEU A 316 0.26 -3.10 24.22
N ASP A 317 0.83 -4.25 23.85
CA ASP A 317 0.00 -5.44 23.67
C ASP A 317 0.66 -6.65 24.34
N SER A 318 -0.18 -7.53 24.91
CA SER A 318 0.27 -8.60 25.78
C SER A 318 1.01 -9.74 25.07
N GLU A 319 0.78 -9.85 23.76
CA GLU A 319 1.30 -10.97 22.97
C GLU A 319 2.38 -10.55 21.98
N CYS A 320 2.33 -9.28 21.58
CA CYS A 320 3.23 -8.74 20.58
C CYS A 320 4.70 -9.06 20.89
N HIS A 321 5.45 -9.51 19.91
CA HIS A 321 6.86 -9.78 20.19
C HIS A 321 7.82 -8.68 19.70
N CYS A 322 7.29 -7.49 19.41
CA CYS A 322 8.18 -6.41 18.97
C CYS A 322 9.08 -5.93 20.12
N ALA A 323 10.15 -5.25 19.77
CA ALA A 323 11.12 -4.80 20.76
C ALA A 323 10.50 -3.81 21.75
N VAL A 324 9.53 -3.04 21.29
CA VAL A 324 8.92 -2.04 22.16
C VAL A 324 8.17 -2.72 23.27
N CYS A 325 7.45 -3.78 22.93
CA CYS A 325 6.67 -4.48 23.95
C CYS A 325 7.53 -5.35 24.85
N GLN A 326 8.77 -5.63 24.43
CA GLN A 326 9.67 -6.37 25.31
C GLN A 326 10.29 -5.48 26.39
N LYS A 327 10.31 -4.17 26.15
CA LYS A 327 11.13 -3.27 26.96
C LYS A 327 10.39 -2.15 27.71
N TRP A 328 9.43 -1.48 27.08
CA TRP A 328 8.81 -0.32 27.72
C TRP A 328 7.34 -0.50 28.04
N SER A 329 6.89 0.20 29.07
CA SER A 329 5.51 0.11 29.53
C SER A 329 4.57 1.08 28.83
N ARG A 330 3.28 0.79 28.92
CA ARG A 330 2.27 1.74 28.48
C ARG A 330 2.46 3.06 29.22
N ALA A 331 2.81 3.00 30.50
CA ALA A 331 2.95 4.21 31.31
C ALA A 331 4.00 5.13 30.72
N TYR A 332 5.13 4.55 30.34
CA TYR A 332 6.22 5.33 29.77
C TYR A 332 5.83 5.96 28.44
N ILE A 333 5.22 5.16 27.58
CA ILE A 333 4.89 5.64 26.25
C ILE A 333 3.78 6.69 26.36
N HIS A 334 2.84 6.48 27.28
CA HIS A 334 1.81 7.47 27.61
C HIS A 334 2.49 8.79 27.96
N HIS A 335 3.47 8.74 28.83
CA HIS A 335 4.22 9.95 29.19
C HIS A 335 4.89 10.63 27.99
N LEU A 336 5.56 9.83 27.16
CA LEU A 336 6.31 10.37 26.03
C LEU A 336 5.37 11.05 25.05
N ILE A 337 4.25 10.39 24.74
CA ILE A 337 3.32 10.95 23.76
C ILE A 337 2.68 12.24 24.28
N ARG A 338 2.33 12.25 25.56
CA ARG A 338 1.75 13.42 26.19
C ARG A 338 2.69 14.60 26.18
N ALA A 339 3.97 14.30 26.36
CA ALA A 339 5.01 15.32 26.46
C ALA A 339 5.50 15.77 25.09
N GLY A 340 5.02 15.13 24.04
CA GLY A 340 5.41 15.48 22.69
C GLY A 340 6.83 15.04 22.37
N GLU A 341 7.30 14.02 23.06
CA GLU A 341 8.68 13.55 22.86
C GLU A 341 8.79 12.68 21.62
N ILE A 342 9.88 12.89 20.89
CA ILE A 342 10.14 12.17 19.66
C ILE A 342 10.24 10.66 19.88
N LEU A 343 10.84 10.23 21.00
CA LEU A 343 10.91 8.81 21.29
C LEU A 343 9.52 8.17 21.37
N GLY A 344 8.52 8.94 21.78
CA GLY A 344 7.17 8.43 21.82
C GLY A 344 6.71 8.00 20.44
N ALA A 345 6.93 8.87 19.47
CA ALA A 345 6.59 8.56 18.08
C ALA A 345 7.38 7.38 17.56
N MET A 346 8.68 7.33 17.88
CA MET A 346 9.52 6.21 17.45
C MET A 346 8.96 4.87 17.94
N LEU A 347 8.64 4.81 19.23
CA LEU A 347 8.21 3.55 19.83
C LEU A 347 6.81 3.15 19.35
N MET A 348 5.90 4.12 19.31
CA MET A 348 4.54 3.84 18.84
C MET A 348 4.55 3.34 17.40
N THR A 349 5.38 3.94 16.56
CA THR A 349 5.43 3.57 15.14
C THR A 349 6.03 2.18 14.97
N GLU A 350 7.13 1.90 15.65
CA GLU A 350 7.74 0.59 15.56
C GLU A 350 6.75 -0.49 16.02
N HIS A 351 6.05 -0.24 17.12
CA HIS A 351 5.07 -1.23 17.56
C HIS A 351 3.97 -1.44 16.52
N ASN A 352 3.42 -0.34 16.00
CA ASN A 352 2.27 -0.44 15.11
C ASN A 352 2.60 -1.14 13.81
N ILE A 353 3.76 -0.82 13.23
CA ILE A 353 4.20 -1.51 12.01
C ILE A 353 4.52 -2.98 12.32
N ALA A 354 5.12 -3.25 13.48
CA ALA A 354 5.39 -4.63 13.85
C ALA A 354 4.13 -5.43 14.07
N PHE A 355 3.11 -4.78 14.63
CA PHE A 355 1.83 -5.45 14.82
C PHE A 355 1.25 -5.82 13.47
N TYR A 356 1.29 -4.90 12.50
CA TYR A 356 0.76 -5.17 11.17
C TYR A 356 1.50 -6.36 10.55
N GLN A 357 2.81 -6.44 10.74
CA GLN A 357 3.58 -7.52 10.13
C GLN A 357 3.24 -8.85 10.80
N GLN A 358 2.98 -8.82 12.11
CA GLN A 358 2.59 -10.04 12.81
C GLN A 358 1.22 -10.52 12.36
N LEU A 359 0.33 -9.58 12.07
CA LEU A 359 -0.96 -9.89 11.47
C LEU A 359 -0.77 -10.54 10.10
N MET A 360 0.07 -9.96 9.24
CA MET A 360 0.29 -10.56 7.92
C MET A 360 0.87 -11.98 8.07
N GLN A 361 1.78 -12.18 9.02
CA GLN A 361 2.35 -13.50 9.22
C GLN A 361 1.28 -14.51 9.63
N LYS A 362 0.36 -14.09 10.51
CA LYS A 362 -0.68 -15.02 10.97
C LYS A 362 -1.62 -15.37 9.82
N ILE A 363 -1.88 -14.39 8.97
CA ILE A 363 -2.69 -14.61 7.77
C ILE A 363 -2.01 -15.58 6.82
N ARG A 364 -0.73 -15.35 6.55
CA ARG A 364 0.03 -16.22 5.64
C ARG A 364 0.10 -17.65 6.16
N ASP A 365 0.37 -17.80 7.44
CA ASP A 365 0.42 -19.10 8.07
C ASP A 365 -0.95 -19.79 8.05
N SER A 366 -2.01 -19.05 8.37
CA SER A 366 -3.33 -19.65 8.43
C SER A 366 -3.77 -20.10 7.03
N ILE A 367 -3.51 -19.30 6.01
CA ILE A 367 -3.87 -19.73 4.65
C ILE A 367 -3.09 -20.99 4.25
N SER A 368 -1.79 -20.98 4.52
CA SER A 368 -0.93 -22.13 4.23
C SER A 368 -1.43 -23.39 4.92
N GLU A 369 -2.10 -23.22 6.05
CA GLU A 369 -2.53 -24.38 6.83
C GLU A 369 -4.03 -24.67 6.67
N GLY A 370 -4.69 -23.91 5.80
CA GLY A 370 -6.10 -24.09 5.51
C GLY A 370 -7.03 -23.76 6.67
N ARG A 371 -6.62 -22.83 7.52
CA ARG A 371 -7.44 -22.46 8.67
C ARG A 371 -7.62 -20.95 8.75
N PHE A 372 -7.60 -20.29 7.60
CA PHE A 372 -7.69 -18.82 7.58
C PHE A 372 -9.10 -18.33 7.89
N SER A 373 -10.11 -19.03 7.40
CA SER A 373 -11.47 -18.59 7.65
C SER A 373 -11.70 -18.62 9.15
N GLN A 374 -11.13 -19.61 9.83
CA GLN A 374 -11.24 -19.68 11.29
C GLN A 374 -10.46 -18.55 11.95
N PHE A 375 -9.26 -18.30 11.45
CA PHE A 375 -8.45 -17.23 12.00
C PHE A 375 -9.20 -15.89 11.89
N ALA A 376 -9.80 -15.65 10.73
CA ALA A 376 -10.54 -14.40 10.54
C ALA A 376 -11.66 -14.27 11.57
N GLN A 377 -12.37 -15.37 11.82
CA GLN A 377 -13.46 -15.33 12.80
C GLN A 377 -12.94 -15.06 14.20
N ASP A 378 -11.89 -15.78 14.58
CA ASP A 378 -11.24 -15.59 15.88
C ASP A 378 -10.73 -14.18 16.04
N PHE A 379 -10.08 -13.67 14.99
CA PHE A 379 -9.53 -12.31 15.02
C PHE A 379 -10.62 -11.29 15.30
N ARG A 380 -11.73 -11.38 14.58
CA ARG A 380 -12.78 -10.38 14.74
C ARG A 380 -13.48 -10.49 16.08
N ALA A 381 -13.66 -11.71 16.58
CA ALA A 381 -14.31 -11.90 17.88
C ALA A 381 -13.58 -11.13 18.98
N ARG A 382 -12.26 -11.23 18.97
CA ARG A 382 -11.42 -10.64 20.00
C ARG A 382 -11.18 -9.14 19.75
N TYR A 383 -10.88 -8.79 18.50
CA TYR A 383 -10.56 -7.42 18.14
C TYR A 383 -11.75 -6.48 18.41
N PHE A 384 -12.95 -7.03 18.27
CA PHE A 384 -14.19 -6.27 18.44
C PHE A 384 -14.92 -6.60 19.75
N ALA A 385 -14.25 -7.32 20.64
CA ALA A 385 -14.84 -7.64 21.93
C ALA A 385 -14.70 -6.45 22.89
ZN ZN B . 4.64 -4.37 20.27
N2 CKR C . -7.28 5.34 -1.66
C3 CKR C . -6.51 5.44 -2.76
C4 CKR C . -6.82 5.30 -4.11
C5 CKR C . -5.82 5.48 -5.06
C6 CKR C . -6.10 5.36 -6.51
O1 CKR C . -7.24 5.08 -6.94
N7 CKR C . -5.09 5.57 -7.37
C8 CKR C . -3.85 5.85 -6.94
N22 CKR C . -2.86 6.04 -7.85
N9 CKR C . -3.57 5.96 -5.61
C10 CKR C . -4.53 5.79 -4.67
C11 CKR C . -4.22 5.93 -3.32
C12 CKR C . -5.21 5.77 -2.36
N13 CKR C . -5.17 5.85 -1.01
C1 CKR C . -6.43 5.60 -0.64
N14 CKR C . -6.83 5.56 0.66
C2 CKR C . -6.18 6.37 1.67
#